data_3T4X
#
_entry.id   3T4X
#
_cell.length_a   144.979
_cell.length_b   144.979
_cell.length_c   65.694
_cell.angle_alpha   90.00
_cell.angle_beta   90.00
_cell.angle_gamma   90.00
#
_symmetry.space_group_name_H-M   'P 42 21 2'
#
loop_
_entity.id
_entity.type
_entity.pdbx_description
1 polymer 'Oxidoreductase, short chain dehydrogenase/reductase family'
2 water water
#
_entity_poly.entity_id   1
_entity_poly.type   'polypeptide(L)'
_entity_poly.pdbx_seq_one_letter_code
;SNA(MSE)H(MSE)QLKGKTALVTGSTAGIGKAIATSLVAEGANVLINGRREENVNETIKEIRAQYPDAILQPVVADLGT
EQGCQDVIEKYPKVDILINNLGIFEPVEYFDIPDEDWFKLFEVNI(MSE)SGVRLTRSYLKK(MSE)IERKEGRVIFIAS
EAAI(MSE)PSQE(MSE)AHYSATKT(MSE)QLSLSRSLAELTTGTNVTVNTI(MSE)PGSTLTEGVET(MSE)LNSLYP
NEQLTIEEAEKRF(MSE)KENRPTSIIQRLIRPEEIAHLVTFLSSPLSSAINGSALRIDGGLVRSVF
;
_entity_poly.pdbx_strand_id   A,B
#
# COMPACT_ATOMS: atom_id res chain seq x y z
N ALA A 3 -38.25 7.04 -4.87
CA ALA A 3 -38.15 7.84 -6.13
C ALA A 3 -36.75 7.80 -6.77
N HIS A 5 -34.16 6.24 -8.37
CA HIS A 5 -33.97 4.96 -9.05
C HIS A 5 -32.53 4.48 -9.06
N GLN A 7 -31.37 2.29 -10.89
CA GLN A 7 -31.03 1.97 -12.29
C GLN A 7 -29.99 0.85 -12.40
N LEU A 8 -30.26 -0.30 -11.80
CA LEU A 8 -29.32 -1.42 -11.89
C LEU A 8 -29.69 -2.54 -12.85
N LYS A 9 -30.96 -2.58 -13.27
CA LYS A 9 -31.47 -3.59 -14.23
C LYS A 9 -30.68 -3.54 -15.52
N GLY A 10 -30.29 -4.72 -16.00
CA GLY A 10 -29.55 -4.80 -17.25
C GLY A 10 -28.06 -4.72 -17.12
N LYS A 11 -27.56 -4.29 -15.96
CA LYS A 11 -26.12 -4.24 -15.75
C LYS A 11 -25.52 -5.54 -15.17
N THR A 12 -24.32 -5.88 -15.63
CA THR A 12 -23.63 -7.11 -15.21
C THR A 12 -22.62 -6.80 -14.12
N ALA A 13 -22.78 -7.43 -12.96
CA ALA A 13 -21.87 -7.16 -11.85
C ALA A 13 -21.11 -8.40 -11.39
N LEU A 14 -19.78 -8.27 -11.32
CA LEU A 14 -18.95 -9.36 -10.86
C LEU A 14 -18.52 -9.08 -9.43
N VAL A 15 -18.94 -9.92 -8.50
CA VAL A 15 -18.56 -9.73 -7.09
C VAL A 15 -17.56 -10.83 -6.72
N THR A 16 -16.27 -10.49 -6.67
CA THR A 16 -15.27 -11.50 -6.38
C THR A 16 -15.39 -11.98 -4.94
N GLY A 17 -14.92 -13.21 -4.68
CA GLY A 17 -14.95 -13.82 -3.35
C GLY A 17 -16.25 -13.49 -2.64
N SER A 18 -17.39 -13.73 -3.31
CA SER A 18 -18.71 -13.40 -2.75
C SER A 18 -19.62 -14.57 -2.33
N THR A 19 -19.02 -15.70 -1.98
CA THR A 19 -19.85 -16.82 -1.53
C THR A 19 -20.21 -16.61 -0.06
N ALA A 20 -19.54 -15.67 0.59
CA ALA A 20 -19.79 -15.39 1.99
C ALA A 20 -19.56 -13.93 2.42
N GLY A 21 -19.78 -13.71 3.71
CA GLY A 21 -19.58 -12.41 4.35
C GLY A 21 -20.12 -11.25 3.57
N ILE A 22 -19.34 -10.16 3.56
CA ILE A 22 -19.71 -8.92 2.88
C ILE A 22 -19.97 -9.17 1.41
N GLY A 23 -19.15 -10.03 0.82
CA GLY A 23 -19.30 -10.39 -0.59
C GLY A 23 -20.67 -10.93 -0.89
N LYS A 24 -21.10 -11.92 -0.10
CA LYS A 24 -22.43 -12.51 -0.28
C LYS A 24 -23.53 -11.46 -0.14
N ALA A 25 -23.37 -10.56 0.83
CA ALA A 25 -24.38 -9.49 1.04
C ALA A 25 -24.41 -8.56 -0.17
N ILE A 26 -23.23 -8.11 -0.57
CA ILE A 26 -23.14 -7.24 -1.71
C ILE A 26 -23.96 -7.84 -2.85
N ALA A 27 -23.62 -9.03 -3.27
CA ALA A 27 -24.36 -9.67 -4.35
C ALA A 27 -25.87 -9.63 -4.10
N THR A 28 -26.32 -10.24 -3.01
CA THR A 28 -27.75 -10.24 -2.71
C THR A 28 -28.36 -8.92 -3.10
N SER A 29 -27.84 -7.83 -2.52
CA SER A 29 -28.34 -6.48 -2.79
C SER A 29 -28.38 -6.16 -4.27
N LEU A 30 -27.29 -6.36 -5.00
CA LEU A 30 -27.44 -6.11 -6.42
C LEU A 30 -28.52 -6.97 -7.07
N VAL A 31 -28.64 -8.26 -6.73
CA VAL A 31 -29.69 -9.00 -7.46
C VAL A 31 -31.05 -8.43 -7.10
N ALA A 32 -31.21 -8.03 -5.84
CA ALA A 32 -32.45 -7.43 -5.36
C ALA A 32 -32.79 -6.25 -6.25
N GLU A 33 -31.77 -5.49 -6.60
CA GLU A 33 -31.97 -4.31 -7.43
C GLU A 33 -32.11 -4.52 -8.93
N GLY A 34 -32.20 -5.76 -9.39
CA GLY A 34 -32.37 -6.02 -10.82
C GLY A 34 -31.13 -6.27 -11.65
N ALA A 35 -29.95 -6.18 -11.03
CA ALA A 35 -28.69 -6.40 -11.73
C ALA A 35 -28.42 -7.87 -12.01
N ASN A 36 -27.54 -8.11 -12.99
CA ASN A 36 -27.14 -9.46 -13.37
C ASN A 36 -25.89 -9.67 -12.59
N VAL A 37 -25.91 -10.65 -11.69
CA VAL A 37 -24.76 -10.87 -10.82
C VAL A 37 -23.99 -12.17 -11.03
N LEU A 38 -22.67 -12.11 -10.96
CA LEU A 38 -21.88 -13.33 -11.11
C LEU A 38 -21.22 -13.62 -9.77
N ILE A 39 -21.69 -14.70 -9.19
CA ILE A 39 -21.21 -15.18 -7.91
C ILE A 39 -19.94 -15.99 -8.14
N ASN A 40 -18.91 -15.61 -7.39
CA ASN A 40 -17.60 -16.23 -7.52
C ASN A 40 -16.95 -16.70 -6.23
N GLY A 41 -16.52 -17.96 -6.23
CA GLY A 41 -15.80 -18.54 -5.11
C GLY A 41 -14.84 -19.55 -5.68
N ARG A 42 -13.91 -20.02 -4.86
CA ARG A 42 -12.99 -21.05 -5.31
C ARG A 42 -13.70 -22.39 -5.40
N ARG A 43 -14.40 -22.77 -4.33
CA ARG A 43 -15.08 -24.07 -4.27
C ARG A 43 -16.51 -24.20 -4.83
N GLU A 44 -16.65 -24.94 -5.93
CA GLU A 44 -17.96 -25.18 -6.61
C GLU A 44 -19.15 -25.37 -5.67
N GLU A 45 -18.90 -26.04 -4.53
CA GLU A 45 -19.89 -26.35 -3.49
C GLU A 45 -20.53 -25.06 -2.98
N ASN A 46 -19.67 -24.11 -2.59
CA ASN A 46 -20.11 -22.84 -2.05
C ASN A 46 -20.83 -21.96 -3.05
N VAL A 47 -20.39 -21.98 -4.30
CA VAL A 47 -21.00 -21.13 -5.34
C VAL A 47 -22.48 -21.50 -5.52
N ASN A 48 -22.76 -22.78 -5.72
CA ASN A 48 -24.13 -23.22 -5.88
C ASN A 48 -24.95 -23.01 -4.62
N GLU A 49 -24.35 -23.26 -3.47
CA GLU A 49 -25.01 -23.09 -2.18
C GLU A 49 -25.48 -21.64 -2.02
N THR A 50 -24.59 -20.70 -2.36
CA THR A 50 -24.87 -19.28 -2.31
C THR A 50 -25.94 -18.91 -3.34
N ILE A 51 -25.83 -19.49 -4.52
CA ILE A 51 -26.83 -19.26 -5.53
C ILE A 51 -28.20 -19.74 -5.06
N LYS A 52 -28.22 -20.88 -4.36
CA LYS A 52 -29.48 -21.41 -3.85
C LYS A 52 -30.08 -20.40 -2.88
N GLU A 53 -29.27 -19.94 -1.92
CA GLU A 53 -29.79 -18.95 -0.97
C GLU A 53 -30.43 -17.78 -1.67
N ILE A 54 -29.67 -17.14 -2.55
CA ILE A 54 -30.16 -15.95 -3.23
C ILE A 54 -31.48 -16.16 -3.95
N ARG A 55 -31.63 -17.25 -4.71
CA ARG A 55 -32.92 -17.49 -5.38
C ARG A 55 -33.99 -17.76 -4.37
N ALA A 56 -33.65 -18.55 -3.36
CA ALA A 56 -34.62 -18.87 -2.32
C ALA A 56 -35.28 -17.56 -1.86
N GLN A 57 -34.57 -16.44 -1.98
CA GLN A 57 -35.15 -15.15 -1.61
C GLN A 57 -35.70 -14.36 -2.80
N TYR A 58 -35.01 -14.42 -3.93
CA TYR A 58 -35.45 -13.69 -5.12
C TYR A 58 -35.55 -14.66 -6.28
N PRO A 59 -36.74 -15.20 -6.50
CA PRO A 59 -36.93 -16.17 -7.57
C PRO A 59 -36.60 -15.63 -8.96
N ASP A 60 -36.91 -14.36 -9.22
CA ASP A 60 -36.64 -13.72 -10.52
C ASP A 60 -35.19 -13.22 -10.64
N ALA A 61 -34.32 -13.77 -9.81
CA ALA A 61 -32.90 -13.41 -9.75
C ALA A 61 -32.10 -13.76 -11.01
N ILE A 62 -31.27 -12.82 -11.43
CA ILE A 62 -30.40 -13.06 -12.57
C ILE A 62 -29.00 -13.25 -12.01
N LEU A 63 -28.54 -14.51 -12.01
CA LEU A 63 -27.23 -14.88 -11.50
C LEU A 63 -26.44 -15.62 -12.54
N GLN A 64 -25.20 -15.95 -12.21
CA GLN A 64 -24.36 -16.73 -13.08
C GLN A 64 -23.20 -17.17 -12.20
N PRO A 65 -22.99 -18.49 -12.06
CA PRO A 65 -21.91 -18.99 -11.23
C PRO A 65 -20.55 -18.84 -11.88
N VAL A 66 -19.58 -18.35 -11.11
CA VAL A 66 -18.23 -18.19 -11.59
C VAL A 66 -17.29 -18.88 -10.60
N VAL A 67 -17.00 -20.15 -10.84
CA VAL A 67 -16.12 -20.89 -9.98
C VAL A 67 -14.72 -20.72 -10.51
N ALA A 68 -13.90 -19.98 -9.77
CA ALA A 68 -12.51 -19.71 -10.13
C ALA A 68 -11.80 -19.17 -8.90
N ASP A 69 -10.48 -19.32 -8.83
CA ASP A 69 -9.72 -18.81 -7.70
C ASP A 69 -9.14 -17.53 -8.26
N LEU A 70 -9.80 -16.43 -7.98
CA LEU A 70 -9.30 -15.17 -8.55
C LEU A 70 -8.00 -14.77 -7.92
N GLY A 71 -7.50 -15.63 -7.03
CA GLY A 71 -6.22 -15.39 -6.39
C GLY A 71 -5.09 -15.99 -7.24
N THR A 72 -5.44 -16.52 -8.41
CA THR A 72 -4.43 -17.10 -9.31
C THR A 72 -4.39 -16.39 -10.66
N GLU A 73 -3.23 -16.42 -11.30
CA GLU A 73 -3.14 -15.81 -12.60
C GLU A 73 -4.14 -16.42 -13.56
N GLN A 74 -4.35 -17.73 -13.44
CA GLN A 74 -5.21 -18.46 -14.36
C GLN A 74 -6.72 -18.31 -14.10
N GLY A 75 -7.12 -18.22 -12.83
CA GLY A 75 -8.51 -18.06 -12.52
C GLY A 75 -8.94 -16.78 -13.20
N CYS A 76 -8.09 -15.76 -13.07
CA CYS A 76 -8.34 -14.47 -13.64
C CYS A 76 -8.44 -14.53 -15.15
N GLN A 77 -7.46 -15.19 -15.78
CA GLN A 77 -7.46 -15.34 -17.23
C GLN A 77 -8.77 -16.00 -17.72
N ASP A 78 -9.19 -17.07 -17.04
CA ASP A 78 -10.44 -17.77 -17.35
C ASP A 78 -11.66 -16.86 -17.28
N VAL A 79 -11.95 -16.32 -16.10
CA VAL A 79 -13.10 -15.43 -15.97
C VAL A 79 -13.10 -14.31 -17.00
N ILE A 80 -11.93 -13.78 -17.34
CA ILE A 80 -11.87 -12.71 -18.34
C ILE A 80 -12.25 -13.22 -19.74
N GLU A 81 -11.64 -14.32 -20.18
CA GLU A 81 -11.96 -14.89 -21.48
C GLU A 81 -13.46 -15.20 -21.57
N LYS A 82 -14.00 -15.72 -20.49
CA LYS A 82 -15.40 -16.11 -20.43
C LYS A 82 -16.41 -14.96 -20.26
N TYR A 83 -16.32 -14.13 -19.25
CA TYR A 83 -17.33 -13.07 -19.14
C TYR A 83 -16.73 -11.75 -19.52
N PRO A 84 -16.63 -11.48 -20.83
CA PRO A 84 -15.97 -10.30 -21.35
C PRO A 84 -16.60 -8.97 -20.95
N LYS A 85 -17.92 -8.91 -21.02
CA LYS A 85 -18.64 -7.68 -20.71
C LYS A 85 -19.14 -7.60 -19.25
N VAL A 86 -18.49 -6.79 -18.42
CA VAL A 86 -18.95 -6.56 -17.03
C VAL A 86 -19.05 -5.05 -16.85
N ASP A 87 -20.22 -4.57 -16.45
CA ASP A 87 -20.52 -3.16 -16.24
C ASP A 87 -20.10 -2.72 -14.81
N ILE A 88 -20.07 -3.70 -13.90
CA ILE A 88 -19.74 -3.40 -12.52
C ILE A 88 -18.78 -4.42 -11.88
N LEU A 89 -17.63 -3.94 -11.43
CA LEU A 89 -16.64 -4.81 -10.86
C LEU A 89 -16.39 -4.49 -9.42
N ILE A 90 -16.83 -5.38 -8.55
CA ILE A 90 -16.61 -5.23 -7.12
C ILE A 90 -15.44 -6.14 -6.75
N ASN A 91 -14.33 -5.50 -6.41
CA ASN A 91 -13.16 -6.19 -5.96
C ASN A 91 -13.30 -6.33 -4.46
N ASN A 92 -13.96 -7.43 -4.11
CA ASN A 92 -14.24 -7.83 -2.77
C ASN A 92 -13.24 -8.86 -2.36
N LEU A 93 -12.87 -9.77 -3.25
CA LEU A 93 -11.91 -10.82 -2.83
C LEU A 93 -10.75 -10.29 -2.03
N GLY A 94 -10.63 -10.76 -0.80
CA GLY A 94 -9.58 -10.38 0.16
C GLY A 94 -9.48 -11.47 1.21
N ILE A 95 -8.34 -11.55 1.90
CA ILE A 95 -8.12 -12.60 2.91
C ILE A 95 -7.04 -12.23 3.92
N PHE A 96 -7.34 -12.32 5.19
CA PHE A 96 -6.34 -12.00 6.20
C PHE A 96 -5.95 -13.26 7.00
N GLU A 97 -5.16 -13.07 8.05
CA GLU A 97 -4.71 -14.18 8.94
C GLU A 97 -3.96 -13.28 9.92
N PRO A 98 -4.18 -13.46 11.23
CA PRO A 98 -3.35 -12.88 12.30
C PRO A 98 -2.09 -13.68 12.59
N VAL A 99 -0.94 -13.00 12.50
CA VAL A 99 0.38 -13.57 12.76
C VAL A 99 1.25 -12.38 13.18
N GLU A 100 1.96 -12.51 14.29
CA GLU A 100 2.85 -11.43 14.77
C GLU A 100 3.88 -11.17 13.66
N TYR A 101 4.13 -9.89 13.41
CA TYR A 101 5.04 -9.42 12.38
C TYR A 101 6.33 -10.21 12.14
N PHE A 102 7.03 -10.53 13.23
CA PHE A 102 8.26 -11.26 13.11
C PHE A 102 8.04 -12.73 12.90
N ASP A 103 6.79 -13.14 12.86
CA ASP A 103 6.48 -14.55 12.71
C ASP A 103 5.89 -14.89 11.37
N ILE A 104 5.55 -13.82 10.65
CA ILE A 104 4.98 -13.93 9.31
C ILE A 104 6.03 -14.52 8.39
N PRO A 105 5.69 -15.63 7.71
CA PRO A 105 6.71 -16.18 6.83
C PRO A 105 6.80 -15.34 5.57
N ASP A 106 8.00 -15.29 5.01
CA ASP A 106 8.26 -14.51 3.81
C ASP A 106 7.26 -14.89 2.72
N GLU A 107 7.04 -16.18 2.57
CA GLU A 107 6.07 -16.77 1.63
C GLU A 107 4.72 -16.06 1.74
N ASP A 108 4.19 -15.98 2.96
CA ASP A 108 2.90 -15.38 3.24
C ASP A 108 2.65 -13.98 2.65
N TRP A 109 3.70 -13.18 2.54
CA TRP A 109 3.57 -11.85 2.00
C TRP A 109 3.17 -11.89 0.55
N PHE A 110 3.86 -12.73 -0.22
CA PHE A 110 3.52 -12.84 -1.63
C PHE A 110 2.09 -13.36 -1.73
N LYS A 111 1.75 -14.42 -1.00
CA LYS A 111 0.36 -14.88 -1.06
C LYS A 111 -0.64 -13.70 -0.85
N LEU A 112 -0.69 -13.08 0.32
CA LEU A 112 -1.66 -11.99 0.45
C LEU A 112 -1.52 -10.97 -0.68
N PHE A 113 -0.31 -10.77 -1.15
CA PHE A 113 -0.14 -9.84 -2.21
C PHE A 113 -0.95 -10.28 -3.44
N GLU A 114 -0.66 -11.49 -3.90
CA GLU A 114 -1.31 -12.02 -5.06
C GLU A 114 -2.81 -12.09 -4.88
N VAL A 115 -3.24 -12.41 -3.67
CA VAL A 115 -4.67 -12.57 -3.44
C VAL A 115 -5.41 -11.27 -3.24
N ASN A 116 -4.88 -10.39 -2.41
CA ASN A 116 -5.61 -9.18 -2.12
C ASN A 116 -5.38 -8.03 -3.09
N ILE A 117 -4.30 -8.09 -3.86
CA ILE A 117 -3.97 -7.05 -4.80
C ILE A 117 -3.99 -7.45 -6.28
N SER A 119 -5.47 -9.83 -7.74
CA SER A 119 -6.84 -10.15 -8.10
C SER A 119 -7.41 -8.86 -8.64
N GLY A 120 -7.19 -7.78 -7.92
CA GLY A 120 -7.70 -6.46 -8.32
C GLY A 120 -7.11 -6.04 -9.64
N VAL A 121 -5.78 -5.89 -9.65
CA VAL A 121 -5.03 -5.51 -10.82
C VAL A 121 -5.43 -6.28 -12.07
N ARG A 122 -5.28 -7.60 -12.03
CA ARG A 122 -5.58 -8.47 -13.19
C ARG A 122 -6.99 -8.22 -13.70
N LEU A 123 -7.96 -8.36 -12.81
CA LEU A 123 -9.32 -8.17 -13.22
C LEU A 123 -9.55 -6.80 -13.84
N THR A 124 -8.96 -5.76 -13.28
CA THR A 124 -9.17 -4.42 -13.82
C THR A 124 -8.34 -4.18 -15.06
N ARG A 125 -7.17 -4.81 -15.17
CA ARG A 125 -6.35 -4.56 -16.38
C ARG A 125 -7.26 -4.81 -17.57
N SER A 126 -8.08 -5.84 -17.48
CA SER A 126 -9.01 -6.21 -18.55
C SER A 126 -10.32 -5.41 -18.61
N TYR A 127 -11.05 -5.39 -17.49
CA TYR A 127 -12.38 -4.77 -17.45
C TYR A 127 -12.46 -3.26 -17.53
N LEU A 128 -11.63 -2.60 -16.74
CA LEU A 128 -11.62 -1.16 -16.73
C LEU A 128 -11.24 -0.65 -18.10
N LYS A 129 -10.32 -1.36 -18.75
CA LYS A 129 -9.87 -0.99 -20.07
C LYS A 129 -11.11 -0.90 -20.88
N LYS A 130 -11.89 -1.98 -20.88
CA LYS A 130 -13.13 -2.02 -21.65
C LYS A 130 -14.12 -0.95 -21.28
N ILE A 132 -13.75 1.97 -20.09
CA ILE A 132 -13.34 3.27 -20.54
C ILE A 132 -13.60 3.43 -22.02
N GLU A 133 -13.15 2.49 -22.85
CA GLU A 133 -13.45 2.64 -24.28
C GLU A 133 -14.96 2.80 -24.50
N ARG A 134 -15.75 2.27 -23.58
CA ARG A 134 -17.21 2.35 -23.63
C ARG A 134 -17.79 3.56 -22.88
N LYS A 135 -16.96 4.36 -22.18
CA LYS A 135 -17.42 5.57 -21.43
C LYS A 135 -18.31 5.35 -20.19
N GLU A 136 -18.57 4.11 -19.82
CA GLU A 136 -19.47 3.90 -18.73
C GLU A 136 -18.94 2.73 -17.91
N GLY A 137 -19.24 2.69 -16.61
CA GLY A 137 -18.82 1.59 -15.75
C GLY A 137 -18.60 2.00 -14.30
N ARG A 138 -18.37 1.00 -13.45
CA ARG A 138 -18.07 1.19 -12.05
C ARG A 138 -17.08 0.10 -11.52
N VAL A 139 -16.07 0.51 -10.80
CA VAL A 139 -15.28 -0.47 -10.09
C VAL A 139 -15.16 -0.01 -8.66
N ILE A 140 -15.39 -0.94 -7.73
CA ILE A 140 -15.37 -0.63 -6.31
C ILE A 140 -14.51 -1.67 -5.58
N PHE A 141 -13.66 -1.20 -4.69
CA PHE A 141 -12.78 -2.07 -3.99
C PHE A 141 -13.23 -2.10 -2.59
N ILE A 142 -13.32 -3.29 -2.00
CA ILE A 142 -13.71 -3.39 -0.61
C ILE A 142 -12.46 -3.58 0.21
N ALA A 143 -12.05 -2.56 0.94
CA ALA A 143 -10.88 -2.64 1.79
C ALA A 143 -11.41 -2.84 3.23
N SER A 144 -10.87 -2.15 4.23
CA SER A 144 -11.34 -2.24 5.59
C SER A 144 -10.73 -1.08 6.32
N GLU A 145 -11.16 -0.83 7.57
CA GLU A 145 -10.64 0.30 8.33
C GLU A 145 -9.11 0.16 8.51
N ALA A 146 -8.60 -1.03 8.29
CA ALA A 146 -7.16 -1.29 8.44
C ALA A 146 -6.38 -0.43 7.45
N ALA A 147 -6.97 -0.20 6.29
CA ALA A 147 -6.33 0.56 5.30
C ALA A 147 -5.83 1.90 5.83
N ILE A 148 -6.44 2.42 6.90
CA ILE A 148 -6.01 3.67 7.51
C ILE A 148 -5.43 3.46 8.92
N PRO A 150 -3.96 0.63 10.89
CA PRO A 150 -3.46 -0.79 10.85
C PRO A 150 -3.78 -1.71 12.03
N SER A 151 -4.11 -2.96 11.74
CA SER A 151 -4.38 -3.93 12.80
C SER A 151 -3.07 -4.53 13.30
N GLN A 152 -2.80 -4.35 14.58
CA GLN A 152 -1.58 -4.82 15.24
C GLN A 152 -1.31 -6.33 15.16
N GLU A 153 -2.32 -7.05 14.74
CA GLU A 153 -2.28 -8.48 14.64
C GLU A 153 -1.91 -9.05 13.28
N ALA A 155 -0.02 -7.15 9.96
CA ALA A 155 0.59 -6.09 9.24
C ALA A 155 0.58 -6.30 7.73
N HIS A 156 0.67 -7.55 7.32
CA HIS A 156 0.69 -7.88 5.90
C HIS A 156 -0.67 -7.60 5.32
N TYR A 157 -1.73 -8.11 5.97
CA TYR A 157 -3.09 -7.81 5.52
C TYR A 157 -3.30 -6.30 5.51
N SER A 158 -2.77 -5.64 6.53
CA SER A 158 -2.87 -4.21 6.62
C SER A 158 -2.24 -3.49 5.43
N ALA A 159 -1.07 -3.94 5.02
CA ALA A 159 -0.42 -3.33 3.89
C ALA A 159 -1.27 -3.46 2.65
N THR A 160 -1.84 -4.64 2.41
CA THR A 160 -2.61 -4.82 1.19
C THR A 160 -3.82 -3.93 1.21
N LYS A 161 -4.40 -3.68 2.37
CA LYS A 161 -5.56 -2.80 2.40
C LYS A 161 -5.11 -1.38 2.06
N THR A 162 -3.98 -0.97 2.62
CA THR A 162 -3.50 0.34 2.34
C THR A 162 -3.13 0.45 0.85
N GLN A 164 -4.62 -0.95 -1.57
CA GLN A 164 -5.87 -0.81 -2.36
C GLN A 164 -6.20 0.66 -2.59
N LEU A 165 -5.93 1.47 -1.59
CA LEU A 165 -6.23 2.85 -1.70
C LEU A 165 -5.46 3.47 -2.85
N SER A 166 -4.20 3.05 -3.05
CA SER A 166 -3.42 3.65 -4.11
C SER A 166 -3.94 3.15 -5.43
N LEU A 167 -3.98 1.83 -5.55
CA LEU A 167 -4.48 1.23 -6.77
C LEU A 167 -5.81 1.86 -7.15
N SER A 168 -6.72 1.97 -6.21
CA SER A 168 -8.01 2.54 -6.52
C SER A 168 -7.92 3.95 -7.12
N ARG A 169 -7.17 4.82 -6.48
CA ARG A 169 -7.07 6.19 -6.94
C ARG A 169 -6.42 6.32 -8.35
N SER A 170 -5.40 5.51 -8.63
CA SER A 170 -4.77 5.57 -9.94
C SER A 170 -5.85 5.17 -10.90
N LEU A 171 -6.46 4.00 -10.68
CA LEU A 171 -7.48 3.55 -11.61
C LEU A 171 -8.47 4.65 -11.86
N ALA A 172 -8.87 5.33 -10.81
CA ALA A 172 -9.83 6.37 -10.97
C ALA A 172 -9.33 7.38 -11.97
N GLU A 173 -8.09 7.82 -11.81
CA GLU A 173 -7.57 8.87 -12.68
C GLU A 173 -7.57 8.51 -14.13
N LEU A 174 -7.69 7.22 -14.42
CA LEU A 174 -7.74 6.78 -15.80
C LEU A 174 -9.11 7.01 -16.38
N THR A 175 -10.12 7.16 -15.53
CA THR A 175 -11.46 7.33 -16.06
C THR A 175 -11.78 8.77 -16.43
N THR A 176 -10.72 9.58 -16.50
CA THR A 176 -10.88 10.98 -16.80
C THR A 176 -11.66 11.24 -18.05
N GLY A 177 -12.64 12.13 -17.94
CA GLY A 177 -13.50 12.43 -19.04
C GLY A 177 -14.62 11.43 -19.36
N THR A 178 -14.74 10.33 -18.61
CA THR A 178 -15.79 9.36 -18.93
C THR A 178 -16.84 9.33 -17.83
N ASN A 179 -17.75 8.36 -17.90
CA ASN A 179 -18.73 8.25 -16.86
C ASN A 179 -18.46 7.03 -16.03
N VAL A 180 -17.23 6.58 -16.11
CA VAL A 180 -16.79 5.44 -15.33
C VAL A 180 -16.25 6.00 -14.01
N THR A 181 -16.50 5.30 -12.89
CA THR A 181 -15.99 5.76 -11.62
C THR A 181 -15.26 4.63 -10.91
N VAL A 182 -14.28 4.98 -10.09
CA VAL A 182 -13.56 4.00 -9.33
C VAL A 182 -13.45 4.58 -7.94
N ASN A 183 -13.94 3.83 -6.94
CA ASN A 183 -13.92 4.26 -5.55
C ASN A 183 -13.65 3.05 -4.72
N THR A 184 -13.38 3.31 -3.44
CA THR A 184 -13.08 2.29 -2.44
C THR A 184 -13.86 2.54 -1.17
N ILE A 185 -14.25 1.46 -0.50
CA ILE A 185 -14.95 1.68 0.74
C ILE A 185 -14.16 0.93 1.82
N PRO A 187 -14.94 -0.75 5.10
CA PRO A 187 -15.85 -1.20 6.13
C PRO A 187 -15.07 -1.43 7.38
N GLY A 188 -15.75 -1.35 8.51
CA GLY A 188 -15.15 -1.63 9.79
C GLY A 188 -15.50 -3.07 10.06
N SER A 189 -15.38 -3.48 11.32
CA SER A 189 -15.69 -4.83 11.70
C SER A 189 -17.17 -5.19 11.66
N THR A 190 -17.43 -6.28 10.95
CA THR A 190 -18.77 -6.77 10.67
C THR A 190 -19.02 -8.21 11.12
N LEU A 191 -20.29 -8.49 11.43
CA LEU A 191 -20.77 -9.78 11.88
C LEU A 191 -20.81 -10.80 10.78
N THR A 192 -19.65 -11.21 10.30
CA THR A 192 -19.65 -12.25 9.29
C THR A 192 -19.42 -13.59 9.96
N GLU A 193 -20.04 -14.65 9.45
CA GLU A 193 -19.82 -16.00 9.99
C GLU A 193 -18.38 -16.18 10.49
N GLY A 194 -17.41 -15.65 9.73
CA GLY A 194 -16.00 -15.74 10.14
C GLY A 194 -15.79 -15.14 11.51
N VAL A 195 -16.34 -13.96 11.72
CA VAL A 195 -16.28 -13.23 13.00
C VAL A 195 -17.18 -13.91 14.01
N GLU A 196 -18.30 -14.45 13.53
CA GLU A 196 -19.22 -15.17 14.40
C GLU A 196 -18.51 -16.35 15.06
N THR A 197 -17.84 -17.15 14.24
CA THR A 197 -17.10 -18.31 14.71
C THR A 197 -16.07 -17.90 15.75
N LEU A 199 -15.93 -15.53 17.86
CA LEU A 199 -16.48 -15.10 19.14
C LEU A 199 -16.78 -16.32 20.04
N ASN A 200 -17.49 -17.30 19.47
CA ASN A 200 -17.84 -18.56 20.17
C ASN A 200 -16.53 -19.10 20.73
N SER A 201 -15.57 -19.08 19.81
CA SER A 201 -14.19 -19.50 19.95
C SER A 201 -13.51 -18.80 21.14
N LEU A 202 -13.64 -17.48 21.20
CA LEU A 202 -13.03 -16.69 22.26
C LEU A 202 -14.02 -16.56 23.43
N TYR A 203 -13.67 -15.67 24.38
CA TYR A 203 -14.29 -15.54 25.70
C TYR A 203 -14.78 -16.84 26.33
N PRO A 204 -13.86 -17.83 26.41
CA PRO A 204 -14.12 -19.23 26.80
C PRO A 204 -14.58 -19.42 28.19
N ASN A 205 -15.36 -20.46 28.39
CA ASN A 205 -15.85 -20.80 29.71
C ASN A 205 -16.63 -19.69 30.35
N GLU A 206 -17.30 -18.89 29.56
CA GLU A 206 -18.15 -17.87 30.12
C GLU A 206 -19.55 -18.13 29.64
N GLN A 207 -19.66 -18.99 28.66
CA GLN A 207 -20.97 -19.46 28.14
C GLN A 207 -21.82 -18.34 27.65
N LEU A 208 -21.32 -17.63 26.67
CA LEU A 208 -22.04 -16.46 26.26
C LEU A 208 -22.69 -16.47 24.88
N THR A 209 -23.99 -16.16 24.89
CA THR A 209 -24.79 -16.00 23.70
C THR A 209 -24.13 -14.90 22.82
N ILE A 210 -24.05 -15.16 21.52
CA ILE A 210 -23.44 -14.19 20.60
C ILE A 210 -23.75 -12.71 20.89
N GLU A 211 -24.96 -12.35 21.31
CA GLU A 211 -25.14 -10.92 21.55
C GLU A 211 -24.27 -10.41 22.71
N GLU A 212 -24.19 -11.20 23.79
CA GLU A 212 -23.33 -10.93 24.98
C GLU A 212 -21.84 -11.01 24.60
N ALA A 213 -21.54 -11.99 23.75
CA ALA A 213 -20.20 -12.24 23.24
C ALA A 213 -19.73 -11.04 22.41
N GLU A 214 -20.51 -10.68 21.37
CA GLU A 214 -20.25 -9.51 20.51
C GLU A 214 -20.06 -8.26 21.34
N LYS A 215 -20.94 -8.10 22.34
CA LYS A 215 -20.97 -6.96 23.23
C LYS A 215 -19.64 -6.56 23.90
N ARG A 216 -18.96 -7.51 24.56
CA ARG A 216 -17.71 -7.18 25.25
C ARG A 216 -16.49 -7.29 24.37
N PHE A 217 -16.62 -7.94 23.24
CA PHE A 217 -15.53 -7.97 22.29
C PHE A 217 -15.33 -6.52 21.79
N LYS A 219 -16.24 -3.85 23.48
CA LYS A 219 -15.77 -3.11 24.65
C LYS A 219 -14.25 -3.22 24.80
N GLU A 220 -13.79 -4.46 24.91
CA GLU A 220 -12.37 -4.78 25.09
C GLU A 220 -11.52 -4.53 23.86
N ASN A 221 -11.94 -5.03 22.71
CA ASN A 221 -11.14 -4.91 21.48
C ASN A 221 -11.43 -3.78 20.47
N ARG A 222 -12.58 -3.12 20.57
CA ARG A 222 -12.91 -2.03 19.66
C ARG A 222 -13.44 -0.84 20.48
N PRO A 223 -12.71 -0.48 21.56
CA PRO A 223 -13.15 0.62 22.40
C PRO A 223 -13.35 1.87 21.58
N THR A 224 -12.74 1.91 20.42
CA THR A 224 -12.85 3.14 19.67
C THR A 224 -14.11 3.35 18.82
N SER A 225 -14.92 2.29 18.69
CA SER A 225 -16.15 2.35 17.92
C SER A 225 -17.20 3.26 18.51
N ILE A 226 -17.82 4.11 17.69
CA ILE A 226 -18.90 4.96 18.14
C ILE A 226 -20.18 4.12 18.24
N ILE A 227 -20.44 3.47 17.12
CA ILE A 227 -21.66 2.68 16.95
C ILE A 227 -21.77 1.54 17.93
N GLN A 228 -20.62 1.07 18.43
CA GLN A 228 -20.54 0.01 19.46
C GLN A 228 -21.15 -1.32 19.21
N ARG A 229 -20.90 -1.92 18.05
CA ARG A 229 -21.42 -3.25 17.74
C ARG A 229 -20.76 -3.68 16.46
N LEU A 230 -20.90 -4.95 16.10
CA LEU A 230 -20.41 -5.39 14.82
C LEU A 230 -21.36 -4.85 13.76
N ILE A 231 -20.82 -4.63 12.59
CA ILE A 231 -21.61 -4.11 11.49
C ILE A 231 -22.30 -5.31 10.82
N ARG A 232 -23.59 -5.24 10.54
CA ARG A 232 -24.22 -6.36 9.87
C ARG A 232 -23.81 -6.22 8.42
N PRO A 233 -23.52 -7.36 7.76
CA PRO A 233 -23.12 -7.37 6.35
C PRO A 233 -24.05 -6.49 5.49
N GLU A 234 -25.36 -6.64 5.63
CA GLU A 234 -26.31 -5.83 4.88
C GLU A 234 -25.95 -4.32 4.82
N GLU A 235 -25.46 -3.78 5.92
CA GLU A 235 -25.16 -2.37 6.04
C GLU A 235 -24.03 -1.89 5.13
N ILE A 236 -23.17 -2.80 4.69
CA ILE A 236 -22.08 -2.44 3.80
C ILE A 236 -22.61 -2.51 2.38
N ALA A 237 -23.41 -3.54 2.10
CA ALA A 237 -24.04 -3.69 0.80
C ALA A 237 -24.81 -2.41 0.44
N HIS A 238 -25.61 -1.94 1.39
CA HIS A 238 -26.34 -0.71 1.14
C HIS A 238 -25.43 0.32 0.40
N LEU A 239 -24.30 0.67 1.01
CA LEU A 239 -23.35 1.62 0.42
C LEU A 239 -22.79 1.19 -0.94
N VAL A 240 -22.34 -0.04 -1.04
CA VAL A 240 -21.83 -0.53 -2.32
C VAL A 240 -22.84 -0.42 -3.46
N THR A 241 -24.09 -0.74 -3.13
CA THR A 241 -25.22 -0.69 -4.07
C THR A 241 -25.41 0.74 -4.45
N PHE A 242 -25.39 1.64 -3.48
CA PHE A 242 -25.52 3.04 -3.83
C PHE A 242 -24.45 3.43 -4.84
N LEU A 243 -23.20 3.14 -4.52
CA LEU A 243 -22.09 3.47 -5.43
C LEU A 243 -22.16 2.78 -6.77
N SER A 244 -22.72 1.59 -6.80
CA SER A 244 -22.84 0.87 -8.05
C SER A 244 -23.78 1.58 -8.98
N SER A 245 -24.75 2.25 -8.38
CA SER A 245 -25.80 2.92 -9.12
C SER A 245 -25.26 4.06 -9.89
N PRO A 246 -26.01 4.57 -10.87
CA PRO A 246 -25.60 5.76 -11.59
C PRO A 246 -25.76 6.94 -10.66
N LEU A 247 -26.67 6.83 -9.70
CA LEU A 247 -26.86 7.90 -8.74
C LEU A 247 -25.58 8.50 -8.16
N SER A 248 -24.53 7.69 -7.98
CA SER A 248 -23.30 8.15 -7.36
C SER A 248 -22.28 8.76 -8.30
N SER A 249 -22.74 9.14 -9.48
CA SER A 249 -21.89 9.74 -10.51
C SER A 249 -20.90 10.80 -10.05
N ALA A 250 -21.22 11.57 -9.03
CA ALA A 250 -20.22 12.56 -8.65
C ALA A 250 -19.08 11.98 -7.83
N ILE A 251 -19.28 10.83 -7.17
CA ILE A 251 -18.16 10.23 -6.38
C ILE A 251 -17.12 9.58 -7.32
N ASN A 252 -15.87 10.04 -7.33
CA ASN A 252 -14.89 9.40 -8.20
C ASN A 252 -13.54 9.49 -7.56
N GLY A 253 -12.89 8.33 -7.42
CA GLY A 253 -11.57 8.20 -6.81
C GLY A 253 -11.54 8.51 -5.32
N SER A 254 -12.65 8.17 -4.64
CA SER A 254 -12.74 8.39 -3.21
C SER A 254 -12.56 7.10 -2.45
N ALA A 255 -12.30 7.27 -1.15
CA ALA A 255 -12.13 6.22 -0.20
C ALA A 255 -13.12 6.52 0.93
N LEU A 256 -14.25 5.80 0.95
CA LEU A 256 -15.31 6.07 1.90
C LEU A 256 -15.26 5.17 3.11
N ARG A 257 -15.18 5.79 4.28
CA ARG A 257 -15.07 5.05 5.47
C ARG A 257 -16.48 4.62 5.92
N ILE A 258 -16.65 3.34 6.20
CA ILE A 258 -17.90 2.80 6.69
C ILE A 258 -17.49 1.83 7.83
N ASP A 259 -17.11 2.45 8.95
CA ASP A 259 -16.61 1.70 10.04
C ASP A 259 -17.24 1.97 11.37
N GLY A 260 -18.43 2.53 11.36
CA GLY A 260 -19.13 2.80 12.62
C GLY A 260 -18.33 3.65 13.60
N GLY A 261 -17.47 4.50 13.05
CA GLY A 261 -16.63 5.39 13.84
C GLY A 261 -15.29 4.85 14.34
N LEU A 262 -14.94 3.60 14.03
CA LEU A 262 -13.63 3.11 14.46
C LEU A 262 -12.47 4.13 14.38
N VAL A 263 -12.07 4.54 13.19
CA VAL A 263 -10.96 5.49 12.99
C VAL A 263 -11.29 6.91 13.53
N ARG A 264 -10.51 7.35 14.53
CA ARG A 264 -10.67 8.64 15.24
C ARG A 264 -9.88 9.67 14.46
N SER A 265 -10.49 10.19 13.42
CA SER A 265 -9.79 11.08 12.56
C SER A 265 -10.77 12.02 11.87
N VAL A 266 -10.45 13.29 11.76
CA VAL A 266 -11.37 14.16 11.08
C VAL A 266 -11.24 13.81 9.61
N PHE A 267 -10.42 12.76 9.36
CA PHE A 267 -10.11 12.27 8.01
C PHE A 267 -9.72 13.45 7.11
N ALA B 3 23.24 23.03 21.91
CA ALA B 3 22.15 22.27 22.60
C ALA B 3 21.47 21.29 21.64
N HIS B 5 22.79 18.62 19.47
CA HIS B 5 23.77 17.70 18.97
C HIS B 5 23.07 16.47 18.41
N GLN B 7 23.54 12.98 18.53
CA GLN B 7 24.37 12.00 19.21
C GLN B 7 24.28 10.69 18.42
N LEU B 8 25.02 10.62 17.32
CA LEU B 8 25.01 9.42 16.45
C LEU B 8 26.40 8.94 16.03
N LYS B 9 27.39 9.41 16.77
CA LYS B 9 28.76 8.98 16.56
C LYS B 9 28.85 7.58 17.17
N GLY B 10 29.52 6.65 16.50
CA GLY B 10 29.63 5.29 17.02
C GLY B 10 28.45 4.39 16.66
N LYS B 11 27.36 4.98 16.16
CA LYS B 11 26.20 4.18 15.73
C LYS B 11 26.36 3.72 14.28
N THR B 12 26.01 2.47 14.01
CA THR B 12 26.12 1.94 12.66
C THR B 12 24.78 2.09 11.96
N ALA B 13 24.82 2.73 10.80
CA ALA B 13 23.61 2.96 10.02
C ALA B 13 23.72 2.23 8.71
N LEU B 14 22.63 1.58 8.31
CA LEU B 14 22.61 0.88 7.04
C LEU B 14 21.77 1.72 6.10
N VAL B 15 22.27 1.98 4.91
CA VAL B 15 21.49 2.76 3.98
C VAL B 15 21.39 1.92 2.73
N THR B 16 20.26 1.22 2.56
CA THR B 16 20.01 0.37 1.40
C THR B 16 19.95 1.17 0.08
N GLY B 17 20.55 0.62 -0.98
CA GLY B 17 20.55 1.27 -2.30
C GLY B 17 21.01 2.71 -2.20
N SER B 18 22.18 2.90 -1.60
CA SER B 18 22.75 4.20 -1.39
C SER B 18 23.91 4.49 -2.33
N THR B 19 23.93 3.83 -3.47
CA THR B 19 24.95 4.01 -4.50
C THR B 19 24.89 5.40 -5.13
N ALA B 20 23.69 5.98 -5.20
CA ALA B 20 23.50 7.31 -5.77
C ALA B 20 22.27 8.00 -5.19
N GLY B 21 21.92 9.15 -5.77
CA GLY B 21 20.76 9.92 -5.35
C GLY B 21 20.61 10.14 -3.86
N ILE B 22 19.35 10.20 -3.42
CA ILE B 22 19.02 10.42 -2.02
C ILE B 22 19.91 9.53 -1.16
N GLY B 23 19.85 8.22 -1.39
CA GLY B 23 20.64 7.25 -0.63
C GLY B 23 22.09 7.64 -0.48
N LYS B 24 22.63 8.30 -1.49
CA LYS B 24 24.01 8.74 -1.36
C LYS B 24 24.02 9.97 -0.46
N ALA B 25 23.13 10.93 -0.70
CA ALA B 25 23.07 12.13 0.12
C ALA B 25 22.89 11.81 1.61
N ILE B 26 22.02 10.86 1.91
CA ILE B 26 21.74 10.45 3.26
C ILE B 26 22.96 9.82 3.92
N ALA B 27 23.66 8.98 3.18
CA ALA B 27 24.84 8.34 3.73
C ALA B 27 25.94 9.36 4.14
N THR B 28 26.26 10.25 3.22
CA THR B 28 27.25 11.29 3.38
C THR B 28 26.97 12.11 4.64
N SER B 29 25.75 12.62 4.73
CA SER B 29 25.37 13.46 5.86
C SER B 29 25.56 12.73 7.18
N LEU B 30 25.13 11.47 7.20
CA LEU B 30 25.18 10.64 8.38
C LEU B 30 26.61 10.34 8.79
N VAL B 31 27.49 10.01 7.85
CA VAL B 31 28.87 9.75 8.26
C VAL B 31 29.52 11.07 8.69
N ALA B 32 29.02 12.15 8.12
CA ALA B 32 29.51 13.49 8.44
C ALA B 32 29.26 13.81 9.91
N GLU B 33 28.43 13.01 10.57
CA GLU B 33 28.11 13.21 11.98
C GLU B 33 28.66 12.00 12.70
N GLY B 34 29.75 11.46 12.16
CA GLY B 34 30.43 10.34 12.77
C GLY B 34 29.71 9.03 12.97
N ALA B 35 28.75 8.71 12.09
CA ALA B 35 28.08 7.42 12.20
C ALA B 35 28.87 6.46 11.30
N ASN B 36 28.92 5.18 11.65
CA ASN B 36 29.62 4.17 10.84
C ASN B 36 28.60 3.68 9.81
N VAL B 37 28.66 4.26 8.62
CA VAL B 37 27.69 3.97 7.55
C VAL B 37 28.03 2.71 6.75
N LEU B 38 27.05 1.84 6.54
CA LEU B 38 27.28 0.62 5.75
C LEU B 38 26.60 0.84 4.41
N ILE B 39 27.39 1.21 3.41
CA ILE B 39 26.86 1.46 2.08
C ILE B 39 26.54 0.21 1.24
N ASN B 40 25.27 0.12 0.85
CA ASN B 40 24.77 -0.99 0.06
C ASN B 40 24.39 -0.59 -1.36
N GLY B 41 24.77 -1.47 -2.28
CA GLY B 41 24.47 -1.32 -3.70
C GLY B 41 24.55 -2.67 -4.37
N ARG B 42 23.80 -2.85 -5.44
CA ARG B 42 23.84 -4.12 -6.19
C ARG B 42 25.19 -4.34 -6.89
N ARG B 43 25.69 -3.33 -7.60
CA ARG B 43 26.97 -3.46 -8.33
C ARG B 43 28.21 -3.12 -7.49
N GLU B 44 29.14 -4.07 -7.41
CA GLU B 44 30.38 -3.89 -6.65
C GLU B 44 31.14 -2.63 -7.11
N GLU B 45 31.03 -2.26 -8.39
CA GLU B 45 31.69 -1.07 -8.89
C GLU B 45 31.06 0.15 -8.25
N ASN B 46 29.75 0.24 -8.42
CA ASN B 46 28.99 1.35 -7.89
C ASN B 46 29.22 1.63 -6.41
N VAL B 47 29.44 0.56 -5.63
CA VAL B 47 29.64 0.70 -4.18
C VAL B 47 31.00 1.36 -3.94
N ASN B 48 32.04 0.77 -4.50
CA ASN B 48 33.38 1.30 -4.37
C ASN B 48 33.46 2.75 -4.82
N GLU B 49 33.00 3.00 -6.05
CA GLU B 49 33.02 4.35 -6.61
C GLU B 49 32.38 5.37 -5.68
N THR B 50 31.37 4.93 -4.93
CA THR B 50 30.68 5.81 -3.99
C THR B 50 31.57 6.04 -2.77
N ILE B 51 32.07 4.95 -2.20
CA ILE B 51 32.96 5.06 -1.06
C ILE B 51 34.15 6.02 -1.34
N LYS B 52 34.63 6.08 -2.58
CA LYS B 52 35.73 6.98 -2.94
C LYS B 52 35.26 8.43 -2.86
N GLU B 53 34.13 8.75 -3.49
CA GLU B 53 33.62 10.13 -3.42
C GLU B 53 33.52 10.58 -1.97
N ILE B 54 33.24 9.62 -1.09
CA ILE B 54 33.14 9.91 0.35
C ILE B 54 34.50 9.97 1.09
N ARG B 55 35.41 9.01 0.88
CA ARG B 55 36.73 9.11 1.57
C ARG B 55 37.27 10.49 1.28
N ALA B 56 37.10 10.90 0.03
CA ALA B 56 37.51 12.21 -0.47
C ALA B 56 36.98 13.35 0.38
N GLN B 57 35.72 13.25 0.83
CA GLN B 57 35.13 14.31 1.65
C GLN B 57 35.45 14.21 3.15
N TYR B 58 35.33 13.01 3.72
CA TYR B 58 35.66 12.82 5.14
C TYR B 58 36.73 11.74 5.26
N PRO B 59 38.01 12.11 5.07
CA PRO B 59 39.15 11.18 5.07
C PRO B 59 39.31 10.43 6.38
N ASP B 60 38.66 10.96 7.42
CA ASP B 60 38.66 10.35 8.72
C ASP B 60 37.23 9.87 8.84
N ALA B 61 36.95 8.69 8.30
CA ALA B 61 35.60 8.14 8.33
C ALA B 61 35.56 6.62 8.32
N ILE B 62 34.52 6.04 8.93
CA ILE B 62 34.38 4.59 8.94
C ILE B 62 33.31 4.12 7.95
N LEU B 63 33.76 3.67 6.79
CA LEU B 63 32.87 3.19 5.72
C LEU B 63 32.99 1.67 5.58
N GLN B 64 31.91 1.04 5.13
CA GLN B 64 31.88 -0.40 4.97
C GLN B 64 31.12 -0.79 3.72
N PRO B 65 31.80 -1.39 2.74
CA PRO B 65 31.03 -1.78 1.58
C PRO B 65 30.20 -3.02 1.85
N VAL B 66 28.90 -2.92 1.57
CA VAL B 66 27.98 -4.03 1.74
C VAL B 66 27.41 -4.33 0.34
N VAL B 67 28.18 -5.06 -0.47
CA VAL B 67 27.75 -5.40 -1.81
C VAL B 67 26.74 -6.50 -1.69
N ALA B 68 25.54 -6.21 -2.16
CA ALA B 68 24.41 -7.15 -2.07
C ALA B 68 23.22 -6.62 -2.80
N ASP B 69 22.32 -7.53 -3.14
CA ASP B 69 21.06 -7.16 -3.78
C ASP B 69 19.95 -7.36 -2.76
N LEU B 70 19.53 -6.26 -2.15
CA LEU B 70 18.45 -6.31 -1.13
C LEU B 70 17.03 -6.44 -1.71
N GLY B 71 16.95 -6.62 -3.03
CA GLY B 71 15.69 -6.78 -3.70
C GLY B 71 15.46 -8.27 -3.81
N THR B 72 16.51 -9.05 -3.52
CA THR B 72 16.42 -10.50 -3.58
C THR B 72 16.39 -11.03 -2.16
N GLU B 73 15.79 -12.21 -1.99
CA GLU B 73 15.70 -12.85 -0.70
C GLU B 73 17.07 -13.23 -0.20
N GLN B 74 17.92 -13.73 -1.09
CA GLN B 74 19.25 -14.14 -0.69
C GLN B 74 20.17 -12.95 -0.45
N GLY B 75 19.87 -11.81 -1.07
CA GLY B 75 20.69 -10.64 -0.87
C GLY B 75 20.58 -10.23 0.57
N CYS B 76 19.34 -10.09 1.02
CA CYS B 76 19.03 -9.68 2.38
C CYS B 76 19.57 -10.59 3.46
N GLN B 77 19.36 -11.90 3.33
CA GLN B 77 19.82 -12.80 4.38
C GLN B 77 21.31 -12.80 4.56
N ASP B 78 22.04 -12.47 3.49
CA ASP B 78 23.50 -12.38 3.57
C ASP B 78 23.87 -11.26 4.54
N VAL B 79 23.25 -10.10 4.35
CA VAL B 79 23.55 -8.95 5.18
C VAL B 79 23.24 -9.09 6.70
N ILE B 80 22.14 -9.75 7.07
CA ILE B 80 21.81 -9.94 8.50
C ILE B 80 22.83 -10.91 9.11
N GLU B 81 23.44 -11.72 8.24
CA GLU B 81 24.47 -12.66 8.62
C GLU B 81 25.73 -11.84 8.93
N LYS B 82 26.26 -11.25 7.86
CA LYS B 82 27.50 -10.46 7.83
C LYS B 82 27.51 -9.14 8.64
N TYR B 83 26.34 -8.56 8.90
CA TYR B 83 26.23 -7.30 9.68
C TYR B 83 25.09 -7.51 10.65
N PRO B 84 25.37 -8.08 11.83
CA PRO B 84 24.34 -8.40 12.79
C PRO B 84 23.83 -7.17 13.51
N LYS B 85 24.75 -6.29 13.89
CA LYS B 85 24.37 -5.07 14.59
C LYS B 85 24.19 -3.84 13.70
N VAL B 86 23.01 -3.24 13.78
CA VAL B 86 22.69 -2.01 13.06
C VAL B 86 21.86 -1.22 14.02
N ASP B 87 22.28 0.02 14.24
CA ASP B 87 21.62 0.91 15.17
C ASP B 87 20.67 1.84 14.44
N ILE B 88 20.93 2.10 13.16
CA ILE B 88 20.05 2.99 12.37
C ILE B 88 19.82 2.38 10.99
N LEU B 89 18.57 2.16 10.64
CA LEU B 89 18.24 1.54 9.37
C LEU B 89 17.44 2.40 8.43
N ILE B 90 18.06 2.84 7.35
CA ILE B 90 17.32 3.61 6.38
C ILE B 90 16.97 2.74 5.19
N ASN B 91 15.67 2.54 4.99
CA ASN B 91 15.13 1.79 3.85
C ASN B 91 14.98 2.76 2.70
N ASN B 92 16.07 2.91 1.93
CA ASN B 92 16.09 3.79 0.78
C ASN B 92 15.87 3.02 -0.51
N LEU B 93 16.35 1.78 -0.58
CA LEU B 93 16.15 0.99 -1.80
C LEU B 93 14.71 1.08 -2.29
N GLY B 94 14.59 1.35 -3.58
CA GLY B 94 13.29 1.49 -4.24
C GLY B 94 13.56 1.70 -5.71
N ILE B 95 12.88 0.94 -6.58
CA ILE B 95 13.06 1.12 -8.04
C ILE B 95 11.77 1.57 -8.70
N PHE B 96 11.86 1.97 -9.96
CA PHE B 96 10.67 2.38 -10.69
C PHE B 96 10.95 2.45 -12.19
N GLU B 97 9.89 2.54 -12.97
CA GLU B 97 9.97 2.55 -14.42
C GLU B 97 8.60 3.01 -14.86
N PRO B 98 8.54 4.06 -15.70
CA PRO B 98 7.23 4.53 -16.14
C PRO B 98 6.63 3.58 -17.17
N VAL B 99 5.39 3.16 -16.95
CA VAL B 99 4.70 2.26 -17.88
C VAL B 99 3.21 2.51 -17.76
N GLU B 100 2.50 2.94 -18.81
CA GLU B 100 1.04 3.10 -18.71
C GLU B 100 0.40 1.87 -18.02
N TYR B 101 -0.62 2.10 -17.20
CA TYR B 101 -1.26 1.03 -16.41
C TYR B 101 -1.65 -0.27 -17.11
N PHE B 102 -2.35 -0.19 -18.23
CA PHE B 102 -2.75 -1.44 -18.87
C PHE B 102 -1.58 -2.22 -19.48
N ASP B 103 -0.42 -1.58 -19.53
CA ASP B 103 0.75 -2.20 -20.13
C ASP B 103 1.70 -2.86 -19.13
N ILE B 104 1.58 -2.54 -17.86
CA ILE B 104 2.49 -3.14 -16.91
C ILE B 104 2.31 -4.64 -16.96
N PRO B 105 3.34 -5.39 -17.35
CA PRO B 105 3.19 -6.83 -17.33
C PRO B 105 2.98 -7.28 -15.89
N ASP B 106 2.50 -8.49 -15.74
CA ASP B 106 2.21 -9.02 -14.42
C ASP B 106 3.48 -9.14 -13.57
N GLU B 107 4.50 -9.80 -14.09
CA GLU B 107 5.76 -10.00 -13.38
C GLU B 107 6.34 -8.67 -12.81
N ASP B 108 6.11 -7.56 -13.52
CA ASP B 108 6.61 -6.28 -13.07
C ASP B 108 6.01 -5.88 -11.69
N TRP B 109 4.72 -6.20 -11.50
CA TRP B 109 4.10 -5.93 -10.25
C TRP B 109 4.82 -6.79 -9.23
N PHE B 110 5.14 -8.03 -9.57
CA PHE B 110 5.83 -8.86 -8.57
C PHE B 110 7.25 -8.39 -8.24
N LYS B 111 7.96 -7.85 -9.23
CA LYS B 111 9.29 -7.30 -9.05
C LYS B 111 9.19 -6.06 -8.14
N LEU B 112 8.58 -4.96 -8.58
CA LEU B 112 8.45 -3.77 -7.72
C LEU B 112 8.01 -4.02 -6.25
N PHE B 113 7.24 -5.07 -6.01
CA PHE B 113 6.81 -5.38 -4.67
C PHE B 113 8.01 -6.00 -3.95
N GLU B 114 8.66 -7.00 -4.57
CA GLU B 114 9.79 -7.64 -3.90
C GLU B 114 10.93 -6.62 -3.64
N VAL B 115 11.20 -5.78 -4.62
CA VAL B 115 12.23 -4.77 -4.47
C VAL B 115 11.84 -3.64 -3.51
N ASN B 116 10.72 -2.97 -3.76
CA ASN B 116 10.35 -1.84 -2.91
C ASN B 116 9.67 -2.14 -1.58
N ILE B 117 9.38 -3.40 -1.26
CA ILE B 117 8.73 -3.70 0.01
C ILE B 117 9.37 -4.80 0.81
N SER B 119 12.21 -5.83 0.67
CA SER B 119 13.51 -5.41 1.10
C SER B 119 13.30 -4.89 2.51
N GLY B 120 12.33 -4.02 2.64
CA GLY B 120 12.06 -3.45 3.94
C GLY B 120 11.52 -4.46 4.91
N VAL B 121 10.65 -5.35 4.46
CA VAL B 121 10.10 -6.32 5.38
C VAL B 121 11.22 -7.20 5.90
N ARG B 122 11.85 -7.90 4.98
CA ARG B 122 12.96 -8.81 5.28
C ARG B 122 14.04 -8.26 6.21
N LEU B 123 14.48 -7.03 5.95
CA LEU B 123 15.50 -6.42 6.77
C LEU B 123 15.01 -6.16 8.18
N THR B 124 13.87 -5.49 8.28
CA THR B 124 13.36 -5.20 9.59
C THR B 124 12.98 -6.45 10.37
N ARG B 125 12.58 -7.52 9.67
CA ARG B 125 12.19 -8.70 10.40
C ARG B 125 13.29 -9.07 11.37
N SER B 126 14.54 -8.73 11.05
CA SER B 126 15.60 -9.02 11.99
C SER B 126 16.08 -7.78 12.74
N TYR B 127 16.40 -6.70 12.03
CA TYR B 127 16.93 -5.49 12.70
C TYR B 127 16.00 -4.81 13.71
N LEU B 128 14.71 -4.84 13.45
CA LEU B 128 13.81 -4.19 14.37
C LEU B 128 13.71 -5.05 15.62
N LYS B 129 13.57 -6.37 15.41
CA LYS B 129 13.44 -7.31 16.50
C LYS B 129 14.59 -7.02 17.45
N LYS B 130 15.78 -7.02 16.87
CA LYS B 130 17.03 -6.76 17.58
C LYS B 130 17.00 -5.38 18.28
N ILE B 132 14.43 -3.70 19.24
CA ILE B 132 13.45 -3.75 20.32
C ILE B 132 14.01 -4.39 21.59
N GLU B 133 14.78 -5.46 21.46
CA GLU B 133 15.34 -6.06 22.65
C GLU B 133 16.24 -5.07 23.41
N ARG B 134 16.92 -4.18 22.69
CA ARG B 134 17.81 -3.22 23.35
C ARG B 134 17.22 -1.79 23.48
N LYS B 135 15.91 -1.66 23.28
CA LYS B 135 15.22 -0.37 23.41
C LYS B 135 15.88 0.82 22.72
N GLU B 136 16.59 0.64 21.61
CA GLU B 136 17.26 1.80 21.04
C GLU B 136 17.41 1.69 19.53
N GLY B 137 17.31 2.82 18.82
CA GLY B 137 17.49 2.81 17.37
C GLY B 137 16.42 3.47 16.51
N ARG B 138 16.72 3.60 15.24
CA ARG B 138 15.81 4.22 14.33
C ARG B 138 15.70 3.28 13.14
N VAL B 139 14.62 3.51 12.38
CA VAL B 139 14.29 2.82 11.14
C VAL B 139 13.51 3.92 10.48
N ILE B 140 13.86 4.21 9.23
CA ILE B 140 13.22 5.28 8.48
C ILE B 140 13.00 4.74 7.08
N PHE B 141 11.86 5.05 6.49
CA PHE B 141 11.56 4.62 5.14
C PHE B 141 11.62 5.78 4.21
N ILE B 142 12.31 5.63 3.11
CA ILE B 142 12.28 6.70 2.14
C ILE B 142 11.21 6.37 1.11
N ALA B 143 10.10 7.09 1.17
CA ALA B 143 9.04 6.89 0.19
C ALA B 143 9.06 8.09 -0.75
N SER B 144 7.89 8.60 -1.08
CA SER B 144 7.81 9.68 -2.04
C SER B 144 6.47 10.32 -1.95
N GLU B 145 6.33 11.55 -2.45
CA GLU B 145 5.04 12.20 -2.33
C GLU B 145 4.04 11.35 -3.13
N ALA B 146 4.54 10.44 -3.97
CA ALA B 146 3.62 9.56 -4.71
C ALA B 146 2.71 8.70 -3.82
N ALA B 147 3.22 8.29 -2.65
CA ALA B 147 2.44 7.48 -1.73
C ALA B 147 1.11 8.15 -1.36
N ILE B 148 0.98 9.47 -1.59
CA ILE B 148 -0.31 10.15 -1.34
C ILE B 148 -0.98 10.65 -2.61
N PRO B 150 -0.79 9.70 -6.31
CA PRO B 150 -0.15 8.76 -7.21
C PRO B 150 0.23 9.37 -8.52
N SER B 151 1.42 9.01 -9.02
CA SER B 151 1.91 9.50 -10.30
C SER B 151 1.22 8.74 -11.43
N GLN B 152 0.73 9.49 -12.40
CA GLN B 152 0.01 8.97 -13.56
C GLN B 152 0.68 7.84 -14.38
N GLU B 153 2.01 7.80 -14.43
CA GLU B 153 2.62 6.76 -15.23
C GLU B 153 3.38 5.73 -14.43
N ALA B 155 1.67 3.35 -11.67
CA ALA B 155 0.69 2.77 -10.80
C ALA B 155 1.34 1.96 -9.74
N HIS B 156 2.11 1.00 -10.17
CA HIS B 156 2.78 0.05 -9.30
C HIS B 156 3.77 0.68 -8.34
N TYR B 157 4.54 1.63 -8.85
CA TYR B 157 5.48 2.29 -8.01
C TYR B 157 4.66 3.05 -6.98
N SER B 158 3.64 3.77 -7.49
CA SER B 158 2.81 4.52 -6.60
C SER B 158 2.23 3.61 -5.55
N ALA B 159 1.83 2.39 -5.91
CA ALA B 159 1.24 1.46 -4.96
C ALA B 159 2.28 1.12 -3.93
N THR B 160 3.47 0.68 -4.37
CA THR B 160 4.52 0.34 -3.39
C THR B 160 4.75 1.47 -2.39
N LYS B 161 4.85 2.69 -2.87
CA LYS B 161 5.04 3.81 -1.93
C LYS B 161 3.90 3.83 -0.91
N THR B 162 2.66 3.91 -1.40
CA THR B 162 1.51 3.99 -0.51
C THR B 162 1.63 2.90 0.51
N GLN B 164 4.39 1.19 1.67
CA GLN B 164 5.34 1.56 2.70
C GLN B 164 4.73 2.26 3.90
N LEU B 165 3.90 3.27 3.68
CA LEU B 165 3.29 3.95 4.82
C LEU B 165 2.71 2.94 5.78
N SER B 166 1.91 2.01 5.30
CA SER B 166 1.29 1.04 6.19
C SER B 166 2.32 0.27 6.94
N LEU B 167 3.22 -0.35 6.20
CA LEU B 167 4.28 -1.11 6.82
C LEU B 167 4.94 -0.27 7.91
N SER B 168 5.25 0.98 7.59
CA SER B 168 5.91 1.87 8.53
C SER B 168 5.13 2.03 9.82
N ARG B 169 3.85 2.31 9.71
CA ARG B 169 3.02 2.49 10.89
C ARG B 169 2.91 1.22 11.73
N SER B 170 2.69 0.08 11.07
CA SER B 170 2.62 -1.17 11.80
C SER B 170 3.91 -1.44 12.55
N LEU B 171 5.03 -0.98 12.02
CA LEU B 171 6.28 -1.24 12.71
C LEU B 171 6.40 -0.30 13.89
N ALA B 172 6.16 0.99 13.65
CA ALA B 172 6.21 1.94 14.73
C ALA B 172 5.49 1.40 15.97
N GLU B 173 4.40 0.67 15.78
CA GLU B 173 3.67 0.16 16.93
C GLU B 173 4.28 -1.05 17.65
N LEU B 174 5.42 -1.51 17.17
CA LEU B 174 6.05 -2.64 17.83
C LEU B 174 7.02 -2.10 18.86
N THR B 175 7.32 -0.81 18.72
CA THR B 175 8.24 -0.13 19.63
C THR B 175 7.65 0.41 20.93
N THR B 176 6.36 0.20 21.15
CA THR B 176 5.74 0.65 22.39
C THR B 176 6.72 0.55 23.56
N GLY B 177 6.80 1.62 24.35
CA GLY B 177 7.67 1.67 25.51
C GLY B 177 9.14 2.01 25.34
N THR B 178 9.75 1.64 24.20
CA THR B 178 11.19 1.89 23.99
C THR B 178 11.52 3.27 23.44
N ASN B 179 12.77 3.43 22.99
CA ASN B 179 13.25 4.66 22.38
C ASN B 179 13.53 4.46 20.92
N VAL B 180 12.90 3.44 20.36
CA VAL B 180 13.11 3.13 18.99
C VAL B 180 12.00 3.81 18.23
N THR B 181 12.35 4.54 17.17
CA THR B 181 11.33 5.16 16.35
C THR B 181 11.39 4.62 14.91
N VAL B 182 10.20 4.39 14.36
CA VAL B 182 10.05 3.96 13.00
C VAL B 182 9.07 4.98 12.46
N ASN B 183 9.53 5.69 11.42
CA ASN B 183 8.83 6.77 10.73
C ASN B 183 9.15 6.73 9.24
N THR B 184 8.34 7.40 8.43
CA THR B 184 8.52 7.46 6.99
C THR B 184 8.56 8.88 6.52
N ILE B 185 9.41 9.18 5.55
CA ILE B 185 9.40 10.55 5.01
C ILE B 185 8.99 10.44 3.55
N PRO B 187 9.72 12.37 0.14
CA PRO B 187 10.29 13.42 -0.69
C PRO B 187 9.52 13.71 -1.97
N GLY B 188 9.68 14.94 -2.43
CA GLY B 188 9.04 15.38 -3.67
C GLY B 188 10.07 15.13 -4.76
N SER B 189 9.85 15.73 -5.91
CA SER B 189 10.73 15.59 -7.05
C SER B 189 12.11 16.09 -6.73
N THR B 190 13.08 15.17 -6.78
CA THR B 190 14.47 15.50 -6.48
C THR B 190 15.34 15.41 -7.72
N LEU B 191 16.44 16.11 -7.67
CA LEU B 191 17.40 16.19 -8.77
C LEU B 191 18.39 15.08 -8.58
N THR B 192 17.97 13.86 -8.95
CA THR B 192 18.81 12.67 -8.89
C THR B 192 19.75 12.80 -10.07
N GLU B 193 20.35 11.73 -10.56
CA GLU B 193 21.22 11.93 -11.72
C GLU B 193 20.52 11.55 -13.03
N GLY B 194 19.52 10.70 -12.95
CA GLY B 194 18.74 10.34 -14.13
C GLY B 194 17.91 11.56 -14.51
N VAL B 195 17.47 12.32 -13.51
CA VAL B 195 16.69 13.54 -13.70
C VAL B 195 17.63 14.61 -14.26
N GLU B 196 18.79 14.69 -13.65
CA GLU B 196 19.83 15.62 -14.03
C GLU B 196 19.97 15.67 -15.56
N THR B 197 20.25 14.51 -16.16
CA THR B 197 20.41 14.44 -17.61
C THR B 197 19.08 14.43 -18.35
N LEU B 199 16.84 16.44 -17.85
CA LEU B 199 16.68 17.87 -18.10
C LEU B 199 17.54 18.40 -19.27
N ASN B 200 18.62 17.70 -19.61
CA ASN B 200 19.46 18.14 -20.73
C ASN B 200 18.76 18.03 -22.08
N SER B 201 18.23 16.84 -22.36
CA SER B 201 17.54 16.52 -23.61
C SER B 201 16.17 17.19 -23.73
N LEU B 202 15.49 17.33 -22.60
CA LEU B 202 14.18 17.96 -22.55
C LEU B 202 14.36 19.42 -22.97
N TYR B 203 13.26 20.06 -23.39
CA TYR B 203 13.29 21.47 -23.83
C TYR B 203 14.31 21.87 -24.89
N PRO B 204 14.61 20.97 -25.86
CA PRO B 204 15.59 21.46 -26.86
C PRO B 204 14.92 22.52 -27.72
N ASN B 205 15.74 23.18 -28.52
CA ASN B 205 15.28 24.23 -29.40
C ASN B 205 15.08 25.55 -28.71
N GLU B 206 15.25 25.57 -27.41
CA GLU B 206 15.11 26.79 -26.67
C GLU B 206 16.38 26.99 -25.91
N GLN B 207 17.26 27.82 -26.41
CA GLN B 207 18.51 28.01 -25.72
C GLN B 207 18.07 28.20 -24.26
N LEU B 208 18.26 27.18 -23.43
CA LEU B 208 18.02 27.25 -22.00
C LEU B 208 19.17 26.76 -21.12
N THR B 209 19.35 27.43 -19.97
CA THR B 209 20.35 27.01 -19.01
C THR B 209 19.70 25.91 -18.20
N ILE B 210 20.49 25.07 -17.57
CA ILE B 210 19.89 23.99 -16.82
C ILE B 210 19.18 24.52 -15.58
N GLU B 211 19.53 25.72 -15.12
CA GLU B 211 18.80 26.24 -13.96
C GLU B 211 17.44 26.66 -14.46
N GLU B 212 17.42 27.46 -15.54
CA GLU B 212 16.17 27.93 -16.15
C GLU B 212 15.32 26.74 -16.59
N ALA B 213 16.00 25.65 -16.94
CA ALA B 213 15.32 24.43 -17.35
C ALA B 213 14.51 23.85 -16.19
N GLU B 214 15.13 23.65 -15.02
CA GLU B 214 14.38 23.12 -13.84
C GLU B 214 13.12 23.91 -13.72
N LYS B 215 13.30 25.23 -13.62
CA LYS B 215 12.22 26.19 -13.48
C LYS B 215 11.06 25.99 -14.44
N ARG B 216 11.28 26.00 -15.76
CA ARG B 216 10.12 25.78 -16.65
C ARG B 216 9.57 24.35 -16.47
N PHE B 217 10.44 23.36 -16.31
CA PHE B 217 9.96 21.99 -16.08
C PHE B 217 9.02 21.87 -14.88
N LYS B 219 7.19 24.45 -13.49
CA LYS B 219 6.02 25.22 -13.92
C LYS B 219 5.16 24.41 -14.90
N GLU B 220 5.85 23.64 -15.72
CA GLU B 220 5.28 22.81 -16.77
C GLU B 220 4.55 21.54 -16.26
N ASN B 221 5.31 20.65 -15.62
CA ASN B 221 4.84 19.34 -15.23
C ASN B 221 4.69 19.12 -13.75
N ARG B 222 4.78 20.20 -13.00
CA ARG B 222 4.72 20.01 -11.58
C ARG B 222 4.25 21.31 -10.95
N PRO B 223 3.13 21.87 -11.50
CA PRO B 223 2.53 23.16 -11.15
C PRO B 223 2.16 23.28 -9.71
N THR B 224 1.96 22.18 -9.00
CA THR B 224 1.58 22.31 -7.58
C THR B 224 2.73 22.48 -6.60
N SER B 225 3.96 22.57 -7.12
CA SER B 225 5.08 22.74 -6.25
C SER B 225 5.19 24.20 -5.78
N ILE B 226 5.19 24.41 -4.47
CA ILE B 226 5.34 25.75 -3.93
C ILE B 226 6.79 26.23 -4.07
N ILE B 227 7.70 25.29 -3.83
CA ILE B 227 9.11 25.58 -3.80
C ILE B 227 9.60 25.95 -5.21
N GLN B 228 9.02 25.30 -6.23
CA GLN B 228 9.34 25.62 -7.65
C GLN B 228 10.75 25.32 -8.13
N ARG B 229 11.17 24.08 -7.93
CA ARG B 229 12.50 23.61 -8.28
C ARG B 229 12.66 22.24 -7.70
N LEU B 230 13.61 21.49 -8.22
CA LEU B 230 13.82 20.20 -7.64
C LEU B 230 14.37 20.38 -6.23
N ILE B 231 14.23 19.34 -5.43
CA ILE B 231 14.75 19.31 -4.10
C ILE B 231 16.14 18.71 -4.30
N ARG B 232 17.16 19.31 -3.73
CA ARG B 232 18.50 18.74 -3.89
C ARG B 232 18.63 17.61 -2.86
N PRO B 233 19.24 16.46 -3.23
CA PRO B 233 19.32 15.38 -2.24
C PRO B 233 19.64 15.88 -0.82
N GLU B 234 20.68 16.70 -0.70
CA GLU B 234 21.09 17.30 0.57
C GLU B 234 19.83 17.66 1.42
N GLU B 235 18.86 18.27 0.76
CA GLU B 235 17.66 18.69 1.43
C GLU B 235 16.98 17.56 2.17
N ILE B 236 16.80 16.43 1.50
CA ILE B 236 16.18 15.24 2.10
C ILE B 236 17.12 14.82 3.24
N ALA B 237 18.41 14.69 2.91
CA ALA B 237 19.40 14.25 3.87
C ALA B 237 19.32 14.96 5.22
N HIS B 238 19.05 16.27 5.20
CA HIS B 238 18.96 17.06 6.46
C HIS B 238 17.97 16.43 7.40
N LEU B 239 16.75 16.21 6.92
CA LEU B 239 15.69 15.63 7.72
C LEU B 239 16.03 14.22 8.17
N VAL B 240 16.43 13.39 7.21
CA VAL B 240 16.75 12.00 7.49
C VAL B 240 17.68 11.95 8.67
N THR B 241 18.72 12.78 8.59
CA THR B 241 19.67 12.87 9.67
C THR B 241 18.95 13.28 10.97
N PHE B 242 18.14 14.32 10.89
CA PHE B 242 17.45 14.79 12.06
C PHE B 242 16.68 13.63 12.71
N LEU B 243 16.02 12.84 11.88
CA LEU B 243 15.23 11.70 12.36
C LEU B 243 16.13 10.60 12.90
N SER B 244 17.32 10.52 12.33
CA SER B 244 18.27 9.52 12.79
C SER B 244 18.71 9.81 14.20
N SER B 245 18.84 11.09 14.53
CA SER B 245 19.29 11.51 15.87
C SER B 245 18.31 11.25 17.00
N PRO B 246 18.82 10.99 18.23
CA PRO B 246 17.90 10.80 19.34
C PRO B 246 17.18 12.12 19.71
N LEU B 247 17.48 13.19 18.98
CA LEU B 247 16.81 14.48 19.19
C LEU B 247 15.39 14.40 18.72
N SER B 248 15.07 13.41 17.89
CA SER B 248 13.75 13.24 17.29
C SER B 248 12.89 12.20 17.96
N SER B 249 13.13 11.96 19.24
CA SER B 249 12.41 10.92 19.96
C SER B 249 10.92 11.13 20.09
N ALA B 250 10.41 12.32 19.78
CA ALA B 250 8.97 12.53 19.91
C ALA B 250 8.17 12.16 18.63
N ILE B 251 8.90 11.82 17.56
CA ILE B 251 8.29 11.45 16.29
C ILE B 251 8.39 9.94 16.16
N ASN B 252 7.24 9.28 16.22
CA ASN B 252 7.19 7.86 16.07
C ASN B 252 5.89 7.59 15.36
N GLY B 253 5.89 6.70 14.36
CA GLY B 253 4.69 6.40 13.59
C GLY B 253 4.19 7.53 12.70
N SER B 254 5.06 8.46 12.31
CA SER B 254 4.68 9.54 11.41
C SER B 254 5.11 9.36 9.96
N ALA B 255 4.48 10.07 9.06
CA ALA B 255 4.90 10.09 7.68
C ALA B 255 5.06 11.61 7.38
N LEU B 256 6.29 12.06 7.28
CA LEU B 256 6.47 13.48 7.10
C LEU B 256 6.70 13.80 5.65
N ARG B 257 5.93 14.78 5.19
CA ARG B 257 6.07 15.25 3.83
C ARG B 257 7.16 16.23 3.69
N ILE B 258 8.06 15.93 2.75
CA ILE B 258 9.15 16.82 2.40
C ILE B 258 9.11 16.93 0.87
N ASP B 259 8.08 17.62 0.40
CA ASP B 259 7.85 17.72 -1.02
C ASP B 259 7.79 19.13 -1.55
N GLY B 260 8.32 20.10 -0.83
CA GLY B 260 8.28 21.47 -1.34
C GLY B 260 6.92 22.00 -1.80
N GLY B 261 5.85 21.40 -1.29
CA GLY B 261 4.48 21.83 -1.62
C GLY B 261 3.66 20.96 -2.54
N LEU B 262 4.31 20.08 -3.31
CA LEU B 262 3.57 19.22 -4.27
C LEU B 262 2.13 18.83 -3.96
N VAL B 263 1.92 18.04 -2.89
CA VAL B 263 0.60 17.53 -2.46
C VAL B 263 -0.33 18.65 -1.93
N ARG B 264 -1.38 19.06 -2.66
CA ARG B 264 -2.23 20.14 -2.13
C ARG B 264 -3.19 19.56 -1.09
N SER B 265 -2.71 19.47 0.14
CA SER B 265 -3.52 18.87 1.18
C SER B 265 -3.13 19.41 2.50
N VAL B 266 -4.13 19.71 3.34
CA VAL B 266 -3.90 20.21 4.70
C VAL B 266 -3.49 18.98 5.48
N PHE B 267 -3.36 17.89 4.75
CA PHE B 267 -2.99 16.59 5.27
C PHE B 267 -3.99 16.18 6.38
#